data_8XOC
#
_entry.id   8XOC
#
_cell.length_a   136.148
_cell.length_b   57.260
_cell.length_c   77.180
_cell.angle_alpha   90.00
_cell.angle_beta   116.49
_cell.angle_gamma   90.00
#
_symmetry.space_group_name_H-M   'C 1 2 1'
#
loop_
_entity.id
_entity.type
_entity.pdbx_description
1 polymer 'Glycosyltransferase family 25 protein'
2 non-polymer "GALACTOSE-URIDINE-5'-DIPHOSPHATE"
3 non-polymer 'MAGNESIUM ION'
4 water water
#
_entity_poly.entity_id   1
_entity_poly.type   'polypeptide(L)'
_entity_poly.pdbx_seq_one_letter_code
;MNSTENKNFVISISTAEQRRNHIIEQFTHQNIPFEFFDAFTPSDKLTDHLQRYLPNVANAAQLTMGEKGCLMSHFMLWKK
CIDENLDYITLFEDDILLGENANKFLAEGDWLKVRFNFQEIFVLRLETFLMPVQLEKQTQIPPFQQRDIDILTSMDWGTA
GYVISQGAAKYLIALFEKLTTEEIMPIDEIMFNQQINATDYRVYQLNPAICVQELVLNQEASLLVSNLEQERKINLKYEK
RKHLEHHHHHH
;
_entity_poly.pdbx_strand_id   A,B
#
# COMPACT_ATOMS: atom_id res chain seq x y z
N GLU A 5 -16.49 -8.99 -30.10
CA GLU A 5 -15.09 -8.55 -30.42
C GLU A 5 -14.24 -8.55 -29.15
N ASN A 6 -12.94 -8.74 -29.28
CA ASN A 6 -12.08 -8.95 -28.12
C ASN A 6 -11.81 -7.68 -27.32
N LYS A 7 -11.98 -7.79 -26.01
CA LYS A 7 -11.80 -6.68 -25.09
C LYS A 7 -10.55 -6.81 -24.20
N ASN A 8 -9.88 -7.97 -24.25
CA ASN A 8 -8.70 -8.25 -23.41
C ASN A 8 -7.36 -7.93 -24.08
N PHE A 9 -6.60 -7.01 -23.49
CA PHE A 9 -5.31 -6.62 -24.03
C PHE A 9 -4.23 -6.79 -22.99
N VAL A 10 -3.13 -7.42 -23.41
CA VAL A 10 -2.02 -7.71 -22.53
C VAL A 10 -0.81 -6.87 -22.94
N ILE A 11 -0.42 -5.95 -22.05
CA ILE A 11 0.70 -5.06 -22.31
C ILE A 11 2.00 -5.83 -22.15
N SER A 12 2.80 -5.85 -23.19
CA SER A 12 4.00 -6.67 -23.22
C SER A 12 5.03 -6.14 -24.18
N ILE A 13 6.29 -6.11 -23.75
CA ILE A 13 7.38 -5.70 -24.63
C ILE A 13 7.47 -6.73 -25.77
N SER A 14 7.58 -6.28 -27.01
CA SER A 14 7.50 -7.20 -28.16
C SER A 14 8.54 -8.34 -28.07
N THR A 15 9.71 -8.04 -27.50
CA THR A 15 10.79 -9.03 -27.36
C THR A 15 10.75 -9.89 -26.09
N ALA A 16 9.77 -9.68 -25.21
CA ALA A 16 9.73 -10.43 -23.95
C ALA A 16 9.19 -11.83 -24.18
N GLU A 17 10.04 -12.69 -24.77
CA GLU A 17 9.64 -14.03 -25.19
C GLU A 17 9.02 -14.88 -24.09
N GLN A 18 9.67 -14.93 -22.93
CA GLN A 18 9.25 -15.86 -21.87
C GLN A 18 7.93 -15.45 -21.27
N ARG A 19 7.77 -14.15 -20.99
CA ARG A 19 6.51 -13.64 -20.47
C ARG A 19 5.37 -13.91 -21.44
N ARG A 20 5.57 -13.59 -22.71
CA ARG A 20 4.55 -13.82 -23.72
C ARG A 20 4.16 -15.29 -23.83
N ASN A 21 5.15 -16.18 -23.77
CA ASN A 21 4.87 -17.61 -23.78
C ASN A 21 4.05 -18.02 -22.56
N HIS A 22 4.38 -17.48 -21.39
CA HIS A 22 3.63 -17.81 -20.17
C HIS A 22 2.20 -17.28 -20.24
N ILE A 23 2.01 -16.15 -20.93
CA ILE A 23 0.68 -15.55 -21.13
C ILE A 23 -0.14 -16.38 -22.13
N ILE A 24 0.49 -16.77 -23.23
CA ILE A 24 -0.19 -17.61 -24.22
C ILE A 24 -0.65 -18.92 -23.55
N GLU A 25 0.26 -19.55 -22.79
CA GLU A 25 -0.07 -20.79 -22.09
C GLU A 25 -1.35 -20.67 -21.31
N GLN A 26 -1.40 -19.68 -20.43
CA GLN A 26 -2.52 -19.55 -19.49
C GLN A 26 -3.82 -19.15 -20.11
N PHE A 27 -3.78 -18.20 -21.05
CA PHE A 27 -5.01 -17.74 -21.69
C PHE A 27 -5.61 -18.83 -22.59
N THR A 28 -4.79 -19.49 -23.41
CA THR A 28 -5.29 -20.57 -24.26
C THR A 28 -5.74 -21.78 -23.43
N HIS A 29 -5.00 -22.14 -22.39
CA HIS A 29 -5.42 -23.19 -21.46
C HIS A 29 -6.88 -23.01 -20.99
N GLN A 30 -7.31 -21.78 -20.72
CA GLN A 30 -8.69 -21.52 -20.28
C GLN A 30 -9.59 -20.97 -21.39
N ASN A 31 -9.10 -21.02 -22.63
CA ASN A 31 -9.82 -20.50 -23.81
C ASN A 31 -10.28 -19.07 -23.66
N ILE A 32 -9.38 -18.20 -23.22
CA ILE A 32 -9.70 -16.80 -23.07
C ILE A 32 -9.01 -16.08 -24.20
N PRO A 33 -9.78 -15.47 -25.12
CA PRO A 33 -9.12 -14.67 -26.15
C PRO A 33 -8.47 -13.39 -25.59
N PHE A 34 -7.46 -12.90 -26.30
CA PHE A 34 -6.75 -11.70 -25.93
C PHE A 34 -5.85 -11.30 -27.09
N GLU A 35 -5.37 -10.05 -27.08
CA GLU A 35 -4.34 -9.59 -27.99
C GLU A 35 -3.23 -8.96 -27.17
N PHE A 36 -1.99 -9.15 -27.61
CA PHE A 36 -0.88 -8.42 -27.06
C PHE A 36 -0.95 -6.98 -27.54
N PHE A 37 -0.56 -6.06 -26.66
CA PHE A 37 -0.34 -4.70 -27.02
C PHE A 37 1.15 -4.47 -26.81
N ASP A 38 1.84 -4.07 -27.85
CA ASP A 38 3.28 -3.87 -27.78
C ASP A 38 3.60 -2.68 -26.87
N ALA A 39 4.22 -2.98 -25.74
CA ALA A 39 4.50 -1.96 -24.75
C ALA A 39 5.48 -0.91 -25.26
N PHE A 40 5.29 0.33 -24.87
CA PHE A 40 6.27 1.37 -25.15
C PHE A 40 7.48 1.15 -24.25
N THR A 41 8.67 1.23 -24.83
CA THR A 41 9.93 1.11 -24.08
C THR A 41 10.79 2.34 -24.34
N PRO A 42 11.85 2.53 -23.55
CA PRO A 42 12.70 3.72 -23.81
C PRO A 42 13.22 3.70 -25.24
N SER A 43 12.82 4.69 -26.03
CA SER A 43 12.93 4.63 -27.51
C SER A 43 12.49 5.95 -28.12
N ASP A 44 12.79 6.15 -29.41
CA ASP A 44 12.29 7.32 -30.15
C ASP A 44 10.75 7.41 -30.10
N LYS A 45 10.09 6.25 -30.27
CA LYS A 45 8.64 6.22 -30.27
C LYS A 45 8.06 6.69 -28.95
N LEU A 46 8.62 6.22 -27.83
CA LEU A 46 8.13 6.63 -26.53
C LEU A 46 8.39 8.13 -26.31
N THR A 47 9.61 8.57 -26.63
CA THR A 47 9.95 10.01 -26.49
C THR A 47 9.00 10.87 -27.32
N ASP A 48 8.78 10.45 -28.55
CA ASP A 48 7.86 11.14 -29.43
C ASP A 48 6.42 11.16 -28.87
N HIS A 49 5.93 10.02 -28.38
CA HIS A 49 4.57 9.97 -27.81
C HIS A 49 4.45 10.83 -26.57
N LEU A 50 5.47 10.82 -25.72
CA LEU A 50 5.43 11.67 -24.54
C LEU A 50 5.33 13.13 -24.96
N GLN A 51 6.14 13.52 -25.94
CA GLN A 51 6.12 14.91 -26.43
C GLN A 51 4.76 15.31 -27.00
N ARG A 52 4.20 14.53 -27.90
CA ARG A 52 2.91 14.88 -28.50
C ARG A 52 1.73 14.78 -27.52
N TYR A 53 1.68 13.72 -26.72
CA TYR A 53 0.47 13.39 -25.96
C TYR A 53 0.54 13.81 -24.49
N LEU A 54 1.71 13.70 -23.86
CA LEU A 54 1.87 14.04 -22.43
C LEU A 54 3.18 14.79 -22.16
N PRO A 55 3.32 16.02 -22.69
CA PRO A 55 4.55 16.82 -22.53
C PRO A 55 4.95 17.03 -21.09
N ASN A 56 3.94 17.20 -20.25
CA ASN A 56 4.07 17.28 -18.80
CA ASN A 56 4.19 17.34 -18.82
C ASN A 56 4.85 16.11 -18.18
N VAL A 57 4.58 14.90 -18.70
CA VAL A 57 5.23 13.69 -18.18
C VAL A 57 6.66 13.57 -18.72
N ALA A 58 6.87 13.97 -19.96
CA ALA A 58 8.21 14.00 -20.54
C ALA A 58 9.20 14.74 -19.65
N ASN A 59 8.77 15.86 -19.10
CA ASN A 59 9.63 16.67 -18.23
C ASN A 59 9.73 16.20 -16.78
N ALA A 60 9.08 15.09 -16.41
CA ALA A 60 9.06 14.66 -15.00
C ALA A 60 10.24 13.77 -14.69
N ALA A 61 11.10 14.21 -13.78
CA ALA A 61 12.22 13.39 -13.35
C ALA A 61 11.82 12.31 -12.34
N GLN A 62 10.67 12.45 -11.68
CA GLN A 62 10.25 11.51 -10.62
C GLN A 62 9.85 10.11 -11.11
N LEU A 63 9.68 9.95 -12.41
CA LEU A 63 9.43 8.61 -13.00
C LEU A 63 10.59 8.21 -13.92
N THR A 64 10.96 6.94 -13.91
CA THR A 64 11.96 6.43 -14.87
C THR A 64 11.32 6.34 -16.25
N MET A 65 12.16 6.23 -17.28
CA MET A 65 11.65 6.12 -18.64
C MET A 65 10.86 4.82 -18.84
N GLY A 66 11.25 3.76 -18.16
CA GLY A 66 10.48 2.51 -18.19
C GLY A 66 9.10 2.69 -17.57
N GLU A 67 9.01 3.38 -16.44
CA GLU A 67 7.71 3.68 -15.84
C GLU A 67 6.88 4.54 -16.79
N LYS A 68 7.52 5.47 -17.47
CA LYS A 68 6.86 6.28 -18.47
C LYS A 68 6.35 5.48 -19.66
N GLY A 69 7.07 4.44 -20.03
CA GLY A 69 6.63 3.52 -21.06
C GLY A 69 5.37 2.76 -20.69
N CYS A 70 5.34 2.30 -19.44
CA CYS A 70 4.20 1.57 -18.91
C CYS A 70 2.98 2.48 -18.87
N LEU A 71 3.14 3.68 -18.31
CA LEU A 71 2.12 4.70 -18.32
C LEU A 71 1.61 5.00 -19.73
N MET A 72 2.49 5.23 -20.69
CA MET A 72 2.09 5.49 -22.06
C MET A 72 1.29 4.31 -22.63
N SER A 73 1.65 3.11 -22.24
CA SER A 73 0.97 1.92 -22.77
C SER A 73 -0.50 1.87 -22.26
N HIS A 74 -0.71 2.09 -20.97
CA HIS A 74 -2.08 2.16 -20.43
C HIS A 74 -2.84 3.32 -21.07
N PHE A 75 -2.20 4.48 -21.15
CA PHE A 75 -2.79 5.69 -21.69
C PHE A 75 -3.27 5.52 -23.13
N MET A 76 -2.46 4.87 -23.96
CA MET A 76 -2.85 4.69 -25.36
C MET A 76 -3.94 3.63 -25.49
N LEU A 77 -3.99 2.65 -24.58
CA LEU A 77 -5.13 1.72 -24.57
C LEU A 77 -6.44 2.42 -24.12
N TRP A 78 -6.37 3.36 -23.17
CA TRP A 78 -7.54 4.14 -22.82
C TRP A 78 -8.02 4.91 -24.05
N LYS A 79 -7.07 5.46 -24.79
CA LYS A 79 -7.35 6.21 -25.99
C LYS A 79 -7.98 5.33 -27.08
N LYS A 80 -7.54 4.08 -27.20
CA LYS A 80 -8.18 3.12 -28.10
C LYS A 80 -9.66 2.85 -27.72
N CYS A 81 -9.91 2.69 -26.42
CA CYS A 81 -11.26 2.51 -25.90
C CYS A 81 -12.18 3.67 -26.32
N ILE A 82 -11.68 4.90 -26.20
CA ILE A 82 -12.44 6.08 -26.58
C ILE A 82 -12.58 6.18 -28.10
N ASP A 83 -11.47 6.09 -28.83
CA ASP A 83 -11.53 6.24 -30.30
C ASP A 83 -12.41 5.17 -30.95
N GLU A 84 -12.41 3.96 -30.39
CA GLU A 84 -13.22 2.88 -30.95
C GLU A 84 -14.59 2.77 -30.31
N ASN A 85 -14.91 3.73 -29.43
CA ASN A 85 -16.15 3.76 -28.70
C ASN A 85 -16.54 2.40 -28.09
N LEU A 86 -15.58 1.75 -27.44
CA LEU A 86 -15.85 0.53 -26.71
C LEU A 86 -16.49 0.88 -25.38
N ASP A 87 -17.38 0.01 -24.91
CA ASP A 87 -18.02 0.19 -23.61
C ASP A 87 -16.98 0.08 -22.49
N TYR A 88 -16.05 -0.84 -22.65
CA TYR A 88 -14.96 -1.02 -21.71
C TYR A 88 -13.81 -1.70 -22.42
N ILE A 89 -12.65 -1.69 -21.77
CA ILE A 89 -11.54 -2.48 -22.23
C ILE A 89 -10.92 -3.12 -20.98
N THR A 90 -10.33 -4.29 -21.15
CA THR A 90 -9.78 -5.02 -20.04
C THR A 90 -8.31 -5.18 -20.27
N LEU A 91 -7.54 -4.64 -19.32
CA LEU A 91 -6.09 -4.52 -19.48
C LEU A 91 -5.34 -5.36 -18.48
N PHE A 92 -4.30 -6.01 -18.98
CA PHE A 92 -3.42 -6.83 -18.20
C PHE A 92 -1.98 -6.44 -18.44
N GLU A 93 -1.14 -6.70 -17.45
CA GLU A 93 0.30 -6.64 -17.64
C GLU A 93 0.81 -8.09 -17.80
N ASP A 94 1.96 -8.25 -18.44
CA ASP A 94 2.34 -9.55 -18.98
C ASP A 94 3.01 -10.51 -18.00
N ASP A 95 2.99 -10.17 -16.72
CA ASP A 95 3.45 -11.07 -15.70
C ASP A 95 2.32 -11.72 -14.91
N ILE A 96 1.07 -11.62 -15.38
CA ILE A 96 -0.02 -12.14 -14.56
C ILE A 96 -0.16 -13.66 -14.65
N LEU A 97 -0.68 -14.20 -13.54
CA LEU A 97 -1.10 -15.59 -13.44
C LEU A 97 -2.61 -15.61 -13.23
N LEU A 98 -3.32 -16.38 -14.04
CA LEU A 98 -4.78 -16.46 -13.95
C LEU A 98 -5.19 -17.45 -12.90
N GLY A 99 -6.20 -17.09 -12.13
CA GLY A 99 -6.77 -17.98 -11.14
C GLY A 99 -7.64 -19.06 -11.76
N GLU A 100 -8.17 -19.91 -10.88
CA GLU A 100 -8.87 -21.14 -11.26
C GLU A 100 -9.94 -20.99 -12.36
N ASN A 101 -11.02 -20.27 -12.09
CA ASN A 101 -12.13 -20.19 -13.03
C ASN A 101 -12.16 -18.86 -13.77
N ALA A 102 -11.00 -18.41 -14.26
CA ALA A 102 -10.88 -17.09 -14.83
C ALA A 102 -11.68 -16.95 -16.11
N ASN A 103 -11.84 -18.04 -16.85
CA ASN A 103 -12.65 -18.06 -18.08
C ASN A 103 -14.07 -17.50 -17.92
N LYS A 104 -14.66 -17.75 -16.77
CA LYS A 104 -16.03 -17.28 -16.47
C LYS A 104 -16.08 -15.75 -16.43
N PHE A 105 -14.96 -15.13 -16.08
CA PHE A 105 -14.88 -13.68 -15.92
C PHE A 105 -14.32 -12.96 -17.13
N LEU A 106 -13.45 -13.62 -17.88
CA LEU A 106 -12.66 -12.95 -18.93
C LEU A 106 -13.00 -13.35 -20.34
N ALA A 107 -13.63 -14.51 -20.53
CA ALA A 107 -13.90 -15.00 -21.89
C ALA A 107 -15.14 -14.38 -22.51
N GLU A 108 -16.05 -13.91 -21.67
CA GLU A 108 -17.27 -13.23 -22.11
C GLU A 108 -17.48 -12.00 -21.23
N GLY A 109 -18.20 -11.02 -21.76
CA GLY A 109 -18.51 -9.80 -21.05
C GLY A 109 -19.93 -9.66 -20.55
N ASP A 110 -20.76 -10.68 -20.73
CA ASP A 110 -22.18 -10.56 -20.40
C ASP A 110 -22.40 -10.20 -18.95
N TRP A 111 -21.64 -10.83 -18.07
CA TRP A 111 -21.76 -10.58 -16.64
C TRP A 111 -21.49 -9.10 -16.29
N LEU A 112 -20.58 -8.46 -17.02
CA LEU A 112 -20.35 -7.01 -16.86
C LEU A 112 -21.48 -6.19 -17.48
N LYS A 113 -21.93 -6.61 -18.65
CA LYS A 113 -22.94 -5.86 -19.39
C LYS A 113 -24.27 -5.81 -18.67
N VAL A 114 -24.62 -6.88 -17.95
CA VAL A 114 -25.85 -6.85 -17.17
C VAL A 114 -25.70 -6.12 -15.83
N ARG A 115 -24.47 -5.85 -15.42
CA ARG A 115 -24.24 -5.21 -14.12
C ARG A 115 -24.00 -3.73 -14.16
N PHE A 116 -23.24 -3.26 -15.14
CA PHE A 116 -22.78 -1.88 -15.17
C PHE A 116 -23.29 -1.05 -16.32
N ASN A 117 -23.51 0.22 -16.01
CA ASN A 117 -23.61 1.26 -17.01
C ASN A 117 -22.21 1.81 -17.31
N PHE A 118 -21.73 1.59 -18.53
CA PHE A 118 -20.34 1.87 -18.87
C PHE A 118 -20.04 3.36 -19.16
N GLN A 119 -21.08 4.18 -19.12
CA GLN A 119 -20.95 5.63 -19.11
C GLN A 119 -20.59 6.13 -17.73
N GLU A 120 -20.83 5.32 -16.71
CA GLU A 120 -20.39 5.67 -15.39
C GLU A 120 -18.86 5.56 -15.37
N ILE A 121 -18.27 6.19 -14.38
CA ILE A 121 -16.83 6.35 -14.28
C ILE A 121 -16.28 5.37 -13.25
N PHE A 122 -15.75 4.25 -13.72
CA PHE A 122 -15.21 3.26 -12.81
C PHE A 122 -14.14 2.37 -13.42
N VAL A 123 -13.34 1.80 -12.53
CA VAL A 123 -12.37 0.77 -12.88
C VAL A 123 -12.71 -0.40 -11.96
N LEU A 124 -12.67 -1.62 -12.49
CA LEU A 124 -12.86 -2.84 -11.70
C LEU A 124 -11.55 -3.61 -11.68
N ARG A 125 -10.91 -3.67 -10.53
CA ARG A 125 -9.67 -4.41 -10.41
C ARG A 125 -9.96 -5.89 -10.33
N LEU A 126 -9.19 -6.64 -11.09
CA LEU A 126 -9.27 -8.09 -11.13
C LEU A 126 -8.16 -8.80 -10.32
N GLU A 127 -7.07 -8.07 -10.04
CA GLU A 127 -5.90 -8.69 -9.41
C GLU A 127 -5.97 -8.58 -7.89
N THR A 128 -5.04 -9.27 -7.23
CA THR A 128 -4.96 -9.28 -5.78
C THR A 128 -4.85 -7.88 -5.24
N PHE A 129 -5.31 -7.69 -4.00
CA PHE A 129 -5.42 -6.38 -3.39
C PHE A 129 -4.67 -6.24 -2.05
N LEU A 130 -3.55 -6.92 -1.93
CA LEU A 130 -2.62 -6.67 -0.82
C LEU A 130 -1.80 -5.38 -1.01
N MET A 131 -1.54 -4.70 0.10
CA MET A 131 -0.67 -3.54 0.14
C MET A 131 0.67 -3.93 -0.45
N PRO A 132 1.24 -3.09 -1.31
CA PRO A 132 2.35 -3.53 -2.17
C PRO A 132 3.74 -3.47 -1.49
N VAL A 133 4.27 -4.63 -1.24
CA VAL A 133 5.38 -4.76 -0.34
C VAL A 133 6.22 -5.94 -0.83
N GLN A 134 7.52 -5.89 -0.61
CA GLN A 134 8.37 -7.04 -0.93
C GLN A 134 9.45 -7.21 0.11
N LEU A 135 9.80 -8.47 0.33
CA LEU A 135 10.77 -8.89 1.33
C LEU A 135 12.03 -9.37 0.64
N GLU A 136 13.18 -8.98 1.19
CA GLU A 136 14.46 -9.39 0.68
C GLU A 136 15.12 -10.17 1.79
N LYS A 137 15.48 -11.40 1.46
CA LYS A 137 16.15 -12.27 2.42
C LYS A 137 17.53 -11.69 2.65
N GLN A 138 18.04 -11.84 3.87
CA GLN A 138 19.41 -11.41 4.17
C GLN A 138 20.04 -12.40 5.13
N THR A 139 21.35 -12.55 5.04
CA THR A 139 22.08 -13.62 5.75
C THR A 139 22.96 -13.09 6.89
N GLN A 140 23.23 -11.80 6.90
CA GLN A 140 24.17 -11.21 7.84
C GLN A 140 23.62 -11.04 9.27
N ILE A 141 22.31 -10.88 9.41
CA ILE A 141 21.70 -10.78 10.74
C ILE A 141 20.95 -12.08 10.96
N PRO A 142 21.40 -12.89 11.92
CA PRO A 142 20.81 -14.24 12.03
C PRO A 142 19.35 -14.25 12.50
N PRO A 143 18.60 -15.29 12.11
CA PRO A 143 17.23 -15.45 12.55
C PRO A 143 17.17 -15.67 14.06
N PHE A 144 16.01 -15.45 14.66
CA PHE A 144 15.82 -15.68 16.08
C PHE A 144 14.51 -16.45 16.29
N GLN A 145 14.54 -17.44 17.18
CA GLN A 145 13.37 -18.28 17.50
C GLN A 145 12.63 -18.69 16.23
N GLN A 146 13.40 -19.11 15.24
CA GLN A 146 12.89 -19.62 13.97
C GLN A 146 12.08 -18.60 13.18
N ARG A 147 12.41 -17.32 13.33
CA ARG A 147 11.84 -16.27 12.53
C ARG A 147 12.97 -15.53 11.85
N ASP A 148 12.83 -15.27 10.55
CA ASP A 148 13.84 -14.53 9.82
C ASP A 148 13.65 -13.04 10.03
N ILE A 149 14.71 -12.30 9.78
CA ILE A 149 14.66 -10.87 9.80
C ILE A 149 14.89 -10.44 8.35
N ASP A 150 13.83 -10.10 7.63
CA ASP A 150 13.93 -9.73 6.22
C ASP A 150 13.94 -8.22 6.08
N ILE A 151 14.39 -7.75 4.92
CA ILE A 151 14.36 -6.33 4.60
C ILE A 151 13.08 -6.06 3.82
N LEU A 152 12.30 -5.11 4.33
CA LEU A 152 11.00 -4.81 3.80
C LEU A 152 11.06 -3.53 3.01
N THR A 153 10.65 -3.59 1.75
CA THR A 153 10.46 -2.36 0.95
C THR A 153 9.05 -2.27 0.36
N SER A 154 8.60 -1.05 0.16
CA SER A 154 7.33 -0.77 -0.50
C SER A 154 7.55 -0.73 -2.01
N MET A 155 6.51 -0.99 -2.77
CA MET A 155 6.59 -0.82 -4.22
C MET A 155 5.28 -0.24 -4.65
N ASP A 156 5.15 0.03 -5.95
CA ASP A 156 3.90 0.54 -6.48
C ASP A 156 2.87 -0.58 -6.51
N TRP A 157 1.62 -0.19 -6.30
CA TRP A 157 0.52 -1.13 -6.35
C TRP A 157 0.30 -1.59 -7.78
N GLY A 158 -0.33 -2.75 -7.94
CA GLY A 158 -0.53 -3.34 -9.24
C GLY A 158 -1.55 -2.65 -10.14
N THR A 159 -1.18 -2.56 -11.40
CA THR A 159 -2.07 -2.16 -12.50
C THR A 159 -2.03 -3.28 -13.53
N ALA A 160 -1.95 -4.51 -13.05
CA ALA A 160 -1.72 -5.70 -13.89
C ALA A 160 -2.99 -6.41 -14.37
N GLY A 161 -4.15 -5.99 -13.90
CA GLY A 161 -5.43 -6.61 -14.34
C GLY A 161 -6.61 -5.79 -13.92
N TYR A 162 -7.23 -5.10 -14.87
CA TYR A 162 -8.41 -4.30 -14.56
C TYR A 162 -9.30 -4.05 -15.80
N VAL A 163 -10.58 -3.87 -15.53
CA VAL A 163 -11.57 -3.45 -16.49
C VAL A 163 -11.74 -1.96 -16.30
N ILE A 164 -11.72 -1.21 -17.40
CA ILE A 164 -11.97 0.23 -17.32
C ILE A 164 -13.13 0.58 -18.24
N SER A 165 -14.08 1.32 -17.68
CA SER A 165 -15.24 1.78 -18.39
C SER A 165 -14.87 2.92 -19.30
N GLN A 166 -15.66 3.10 -20.35
CA GLN A 166 -15.48 4.21 -21.24
C GLN A 166 -15.48 5.52 -20.47
N GLY A 167 -16.40 5.65 -19.51
CA GLY A 167 -16.46 6.80 -18.62
C GLY A 167 -15.13 7.07 -17.91
N ALA A 168 -14.53 6.03 -17.34
CA ALA A 168 -13.25 6.20 -16.65
C ALA A 168 -12.07 6.44 -17.61
N ALA A 169 -12.13 5.86 -18.81
CA ALA A 169 -11.09 6.09 -19.81
C ALA A 169 -11.02 7.59 -20.20
N LYS A 170 -12.18 8.19 -20.41
CA LYS A 170 -12.28 9.64 -20.68
C LYS A 170 -11.76 10.45 -19.51
N TYR A 171 -12.22 10.11 -18.31
CA TYR A 171 -11.83 10.81 -17.11
C TYR A 171 -10.32 10.72 -16.91
N LEU A 172 -9.72 9.54 -17.05
CA LEU A 172 -8.28 9.40 -16.79
C LEU A 172 -7.42 10.08 -17.86
N ILE A 173 -7.83 10.00 -19.12
CA ILE A 173 -7.15 10.73 -20.18
C ILE A 173 -7.14 12.24 -19.87
N ALA A 174 -8.31 12.80 -19.60
CA ALA A 174 -8.43 14.22 -19.25
C ALA A 174 -7.54 14.56 -18.07
N LEU A 175 -7.57 13.73 -17.04
CA LEU A 175 -6.78 13.97 -15.84
C LEU A 175 -5.28 13.97 -16.12
N PHE A 176 -4.79 12.96 -16.82
CA PHE A 176 -3.36 12.86 -17.11
C PHE A 176 -2.88 14.03 -17.97
N GLU A 177 -3.69 14.47 -18.94
CA GLU A 177 -3.35 15.61 -19.78
C GLU A 177 -3.28 16.92 -19.00
N LYS A 178 -4.06 17.01 -17.94
CA LYS A 178 -4.19 18.20 -17.11
C LYS A 178 -3.12 18.29 -16.01
N LEU A 179 -2.55 17.17 -15.60
CA LEU A 179 -1.58 17.20 -14.52
C LEU A 179 -0.33 18.03 -14.88
N THR A 180 0.14 18.85 -13.94
CA THR A 180 1.42 19.52 -14.10
C THR A 180 2.55 18.51 -13.89
N THR A 181 3.75 18.85 -14.38
CA THR A 181 4.95 18.02 -14.18
C THR A 181 5.17 17.64 -12.72
N GLU A 182 4.94 18.63 -11.84
CA GLU A 182 5.08 18.45 -10.41
C GLU A 182 4.06 17.47 -9.82
N GLU A 183 2.87 17.39 -10.41
CA GLU A 183 1.80 16.52 -9.94
C GLU A 183 1.88 15.08 -10.45
N ILE A 184 2.79 14.81 -11.38
CA ILE A 184 2.92 13.46 -11.92
C ILE A 184 3.35 12.47 -10.84
N MET A 185 2.65 11.35 -10.77
CA MET A 185 2.93 10.30 -9.81
C MET A 185 2.88 8.97 -10.54
N PRO A 186 3.28 7.89 -9.87
CA PRO A 186 3.14 6.56 -10.51
C PRO A 186 1.69 6.27 -10.91
N ILE A 187 1.52 5.55 -12.00
CA ILE A 187 0.19 5.28 -12.56
C ILE A 187 -0.79 4.77 -11.50
N ASP A 188 -0.35 3.89 -10.63
CA ASP A 188 -1.24 3.31 -9.62
C ASP A 188 -1.74 4.35 -8.64
N GLU A 189 -0.89 5.33 -8.31
CA GLU A 189 -1.29 6.36 -7.36
C GLU A 189 -2.37 7.26 -7.94
N ILE A 190 -2.18 7.66 -9.20
CA ILE A 190 -3.17 8.51 -9.87
C ILE A 190 -4.49 7.76 -10.04
N MET A 191 -4.40 6.53 -10.52
CA MET A 191 -5.59 5.74 -10.81
C MET A 191 -6.35 5.33 -9.56
N PHE A 192 -5.65 4.98 -8.49
CA PHE A 192 -6.34 4.32 -7.38
C PHE A 192 -6.32 5.22 -6.17
N ASN A 193 -5.14 5.42 -5.60
CA ASN A 193 -4.99 6.14 -4.35
C ASN A 193 -5.56 7.56 -4.44
N GLN A 194 -5.20 8.31 -5.47
CA GLN A 194 -5.61 9.74 -5.59
C GLN A 194 -7.09 9.93 -5.90
N GLN A 195 -7.80 8.86 -6.28
CA GLN A 195 -9.22 8.95 -6.62
C GLN A 195 -10.13 8.38 -5.54
N ILE A 196 -9.57 7.86 -4.44
CA ILE A 196 -10.39 7.16 -3.42
C ILE A 196 -11.59 7.99 -2.95
N ASN A 197 -11.41 9.30 -2.80
CA ASN A 197 -12.55 10.15 -2.40
C ASN A 197 -13.12 11.03 -3.49
N ALA A 198 -12.95 10.65 -4.76
CA ALA A 198 -13.51 11.41 -5.90
C ALA A 198 -15.03 11.32 -5.95
N THR A 199 -15.68 12.29 -6.59
CA THR A 199 -17.15 12.33 -6.65
C THR A 199 -17.71 11.21 -7.51
N ASP A 200 -17.37 11.20 -8.80
CA ASP A 200 -17.93 10.22 -9.75
C ASP A 200 -17.12 8.94 -9.88
N TYR A 201 -15.81 9.03 -9.68
CA TYR A 201 -14.90 7.93 -10.01
C TYR A 201 -14.86 6.91 -8.91
N ARG A 202 -15.23 5.67 -9.23
CA ARG A 202 -15.20 4.56 -8.30
C ARG A 202 -14.14 3.57 -8.71
N VAL A 203 -13.52 2.96 -7.72
CA VAL A 203 -12.69 1.81 -7.94
C VAL A 203 -13.35 0.63 -7.26
N TYR A 204 -13.72 -0.36 -8.07
CA TYR A 204 -14.25 -1.58 -7.55
C TYR A 204 -13.14 -2.61 -7.54
N GLN A 205 -13.35 -3.64 -6.72
CA GLN A 205 -12.39 -4.73 -6.56
C GLN A 205 -13.15 -6.05 -6.56
N LEU A 206 -12.76 -6.93 -7.47
CA LEU A 206 -13.29 -8.28 -7.48
C LEU A 206 -12.68 -9.04 -6.28
N ASN A 207 -13.55 -9.60 -5.45
CA ASN A 207 -13.14 -10.22 -4.20
C ASN A 207 -13.83 -11.58 -3.96
N PRO A 208 -13.10 -12.69 -4.05
CA PRO A 208 -11.63 -12.71 -4.24
C PRO A 208 -11.20 -12.41 -5.66
N ALA A 209 -9.91 -12.11 -5.81
CA ALA A 209 -9.33 -11.72 -7.08
C ALA A 209 -9.18 -12.94 -7.94
N ILE A 210 -9.07 -12.72 -9.25
CA ILE A 210 -8.96 -13.80 -10.21
C ILE A 210 -7.62 -13.87 -10.87
N CYS A 211 -6.72 -12.95 -10.54
CA CYS A 211 -5.37 -13.00 -11.09
C CYS A 211 -4.36 -12.36 -10.16
N VAL A 212 -3.09 -12.68 -10.37
CA VAL A 212 -2.04 -12.20 -9.49
C VAL A 212 -0.76 -12.06 -10.29
N GLN A 213 0.03 -11.04 -9.98
CA GLN A 213 1.37 -10.94 -10.57
C GLN A 213 2.28 -12.02 -10.00
N GLU A 214 3.14 -12.58 -10.83
CA GLU A 214 4.07 -13.64 -10.41
C GLU A 214 4.91 -13.27 -9.19
N LEU A 215 5.45 -12.05 -9.17
CA LEU A 215 6.23 -11.56 -8.03
C LEU A 215 5.39 -11.51 -6.76
N VAL A 216 4.17 -10.98 -6.87
CA VAL A 216 3.28 -10.84 -5.72
C VAL A 216 2.94 -12.19 -5.10
N LEU A 217 2.82 -13.23 -5.94
CA LEU A 217 2.51 -14.60 -5.47
C LEU A 217 3.58 -15.16 -4.48
N ASN A 218 4.81 -14.67 -4.57
CA ASN A 218 5.94 -15.20 -3.79
C ASN A 218 5.97 -14.79 -2.31
N GLU B 5 13.72 -2.45 33.13
CA GLU B 5 13.87 -1.47 32.02
C GLU B 5 12.80 -1.75 30.94
N ASN B 6 11.62 -1.19 31.12
CA ASN B 6 10.52 -1.48 30.19
C ASN B 6 10.67 -0.75 28.85
N LYS B 7 10.53 -1.52 27.77
CA LYS B 7 10.65 -1.01 26.41
C LYS B 7 9.29 -0.91 25.68
N ASN B 8 8.26 -1.57 26.22
CA ASN B 8 6.98 -1.74 25.54
C ASN B 8 5.91 -0.71 25.90
N PHE B 9 5.43 0.00 24.91
CA PHE B 9 4.40 1.00 25.11
C PHE B 9 3.20 0.73 24.21
N VAL B 10 2.01 0.78 24.78
CA VAL B 10 0.79 0.54 24.03
C VAL B 10 -0.01 1.83 23.94
N ILE B 11 -0.18 2.33 22.72
CA ILE B 11 -0.93 3.54 22.48
C ILE B 11 -2.42 3.24 22.58
N SER B 12 -3.09 3.94 23.50
CA SER B 12 -4.48 3.62 23.81
C SER B 12 -5.21 4.84 24.36
N ILE B 13 -6.41 5.10 23.84
CA ILE B 13 -7.23 6.19 24.37
C ILE B 13 -7.56 5.82 25.84
N SER B 14 -7.42 6.78 26.75
CA SER B 14 -7.56 6.46 28.19
C SER B 14 -8.89 5.79 28.53
N THR B 15 -9.95 6.16 27.81
CA THR B 15 -11.30 5.63 28.02
C THR B 15 -11.64 4.33 27.27
N ALA B 16 -10.70 3.80 26.47
CA ALA B 16 -10.99 2.61 25.68
C ALA B 16 -10.86 1.38 26.56
N GLU B 17 -11.85 1.18 27.41
CA GLU B 17 -11.80 0.13 28.43
C GLU B 17 -11.64 -1.28 27.87
N GLN B 18 -12.40 -1.62 26.84
CA GLN B 18 -12.38 -3.01 26.33
C GLN B 18 -11.04 -3.37 25.67
N ARG B 19 -10.52 -2.46 24.85
CA ARG B 19 -9.20 -2.68 24.25
C ARG B 19 -8.12 -2.81 25.32
N ARG B 20 -8.11 -1.90 26.28
CA ARG B 20 -7.15 -1.97 27.38
C ARG B 20 -7.22 -3.28 28.15
N ASN B 21 -8.45 -3.76 28.42
CA ASN B 21 -8.61 -5.04 29.09
C ASN B 21 -8.04 -6.18 28.22
N HIS B 22 -8.30 -6.14 26.90
CA HIS B 22 -7.77 -7.18 26.01
CA HIS B 22 -7.78 -7.16 25.99
C HIS B 22 -6.25 -7.14 25.95
N ILE B 23 -5.67 -5.94 26.08
CA ILE B 23 -4.21 -5.76 26.08
C ILE B 23 -3.60 -6.26 27.40
N ILE B 24 -4.24 -5.92 28.53
CA ILE B 24 -3.78 -6.42 29.82
C ILE B 24 -3.79 -7.94 29.82
N GLU B 25 -4.88 -8.53 29.33
CA GLU B 25 -5.01 -9.99 29.27
C GLU B 25 -3.80 -10.61 28.61
N GLN B 26 -3.52 -10.19 27.39
CA GLN B 26 -2.48 -10.82 26.58
C GLN B 26 -1.06 -10.60 27.07
N PHE B 27 -0.76 -9.37 27.49
CA PHE B 27 0.59 -9.07 27.97
C PHE B 27 0.90 -9.75 29.30
N THR B 28 -0.04 -9.69 30.26
CA THR B 28 0.16 -10.37 31.55
C THR B 28 0.19 -11.89 31.36
N HIS B 29 -0.70 -12.43 30.55
CA HIS B 29 -0.67 -13.86 30.16
C HIS B 29 0.73 -14.35 29.81
N GLN B 30 1.50 -13.56 29.06
CA GLN B 30 2.86 -13.98 28.66
C GLN B 30 3.95 -13.31 29.48
N ASN B 31 3.57 -12.64 30.57
CA ASN B 31 4.49 -11.93 31.45
C ASN B 31 5.35 -10.93 30.72
N ILE B 32 4.73 -10.11 29.88
CA ILE B 32 5.46 -9.09 29.16
C ILE B 32 5.11 -7.79 29.82
N PRO B 33 6.09 -7.12 30.43
CA PRO B 33 5.80 -5.80 30.97
C PRO B 33 5.50 -4.76 29.88
N PHE B 34 4.72 -3.74 30.23
CA PHE B 34 4.38 -2.69 29.29
C PHE B 34 3.74 -1.56 30.06
N GLU B 35 3.68 -0.39 29.43
CA GLU B 35 2.93 0.75 29.95
C GLU B 35 1.99 1.22 28.84
N PHE B 36 0.79 1.64 29.23
CA PHE B 36 -0.08 2.34 28.32
C PHE B 36 0.47 3.74 28.11
N PHE B 37 0.31 4.23 26.89
CA PHE B 37 0.57 5.63 26.60
C PHE B 37 -0.81 6.17 26.22
N ASP B 38 -1.26 7.19 26.95
CA ASP B 38 -2.59 7.76 26.69
C ASP B 38 -2.60 8.46 25.36
N ALA B 39 -3.35 7.92 24.41
CA ALA B 39 -3.35 8.42 23.03
C ALA B 39 -3.96 9.81 22.97
N PHE B 40 -3.38 10.67 22.14
CA PHE B 40 -3.93 11.99 21.95
C PHE B 40 -5.24 11.90 21.16
N THR B 41 -6.27 12.61 21.63
CA THR B 41 -7.56 12.67 20.94
C THR B 41 -7.94 14.13 20.67
N PRO B 42 -8.96 14.37 19.82
CA PRO B 42 -9.32 15.77 19.55
C PRO B 42 -9.60 16.52 20.86
N SER B 43 -8.80 17.53 21.15
CA SER B 43 -8.70 18.13 22.48
C SER B 43 -7.74 19.33 22.48
N ASP B 44 -7.82 20.12 23.54
CA ASP B 44 -6.85 21.20 23.76
C ASP B 44 -5.42 20.67 23.86
N LYS B 45 -5.24 19.55 24.53
CA LYS B 45 -3.91 18.96 24.69
C LYS B 45 -3.28 18.61 23.32
N LEU B 46 -4.08 17.99 22.44
CA LEU B 46 -3.59 17.66 21.12
C LEU B 46 -3.31 18.94 20.32
N THR B 47 -4.23 19.88 20.35
CA THR B 47 -4.02 21.18 19.66
C THR B 47 -2.74 21.84 20.14
N ASP B 48 -2.54 21.89 21.45
CA ASP B 48 -1.33 22.43 22.05
C ASP B 48 -0.06 21.71 21.53
N HIS B 49 -0.10 20.37 21.56
CA HIS B 49 1.07 19.59 21.12
C HIS B 49 1.37 19.77 19.63
N LEU B 50 0.32 19.82 18.82
CA LEU B 50 0.50 20.07 17.40
C LEU B 50 1.18 21.42 17.18
N GLN B 51 0.72 22.43 17.92
CA GLN B 51 1.29 23.79 17.80
C GLN B 51 2.77 23.81 18.16
N ARG B 52 3.12 23.28 19.34
CA ARG B 52 4.50 23.30 19.79
C ARG B 52 5.44 22.42 18.94
N TYR B 53 5.01 21.20 18.62
CA TYR B 53 5.92 20.18 18.07
C TYR B 53 5.81 20.00 16.57
N LEU B 54 4.60 20.08 16.02
CA LEU B 54 4.39 19.86 14.58
C LEU B 54 3.38 20.85 14.00
N PRO B 55 3.75 22.15 13.96
CA PRO B 55 2.86 23.21 13.43
C PRO B 55 2.38 22.94 12.02
N ASN B 56 3.26 22.36 11.22
CA ASN B 56 2.97 21.88 9.87
CA ASN B 56 2.88 21.98 9.87
C ASN B 56 1.77 20.93 9.80
N VAL B 57 1.65 20.06 10.80
CA VAL B 57 0.55 19.08 10.84
C VAL B 57 -0.75 19.74 11.33
N ALA B 58 -0.61 20.66 12.28
CA ALA B 58 -1.76 21.44 12.76
C ALA B 58 -2.52 22.08 11.60
N ASN B 59 -1.79 22.62 10.63
CA ASN B 59 -2.39 23.27 9.48
C ASN B 59 -2.87 22.35 8.37
N ALA B 60 -2.75 21.04 8.53
CA ALA B 60 -3.10 20.12 7.45
C ALA B 60 -4.58 19.75 7.51
N ALA B 61 -5.34 20.19 6.53
CA ALA B 61 -6.77 19.91 6.49
C ALA B 61 -7.03 18.51 5.96
N GLN B 62 -6.07 17.91 5.25
CA GLN B 62 -6.25 16.58 4.65
C GLN B 62 -6.38 15.44 5.69
N LEU B 63 -6.07 15.71 6.96
CA LEU B 63 -6.14 14.72 8.01
C LEU B 63 -7.22 15.10 9.04
N THR B 64 -7.94 14.09 9.53
CA THR B 64 -8.82 14.27 10.69
C THR B 64 -7.98 14.45 11.94
N MET B 65 -8.62 15.04 12.94
CA MET B 65 -7.93 15.31 14.18
C MET B 65 -7.54 14.01 14.90
N GLY B 66 -8.35 12.97 14.73
CA GLY B 66 -7.99 11.65 15.22
C GLY B 66 -6.72 11.12 14.57
N GLU B 67 -6.59 11.25 13.25
CA GLU B 67 -5.34 10.85 12.57
C GLU B 67 -4.16 11.66 13.10
N LYS B 68 -4.41 12.95 13.36
CA LYS B 68 -3.39 13.80 13.94
C LYS B 68 -2.98 13.38 15.36
N GLY B 69 -3.95 12.90 16.12
CA GLY B 69 -3.69 12.36 17.44
C GLY B 69 -2.84 11.11 17.44
N CYS B 70 -3.13 10.22 16.49
CA CYS B 70 -2.39 8.97 16.35
C CYS B 70 -0.92 9.28 15.99
N LEU B 71 -0.76 10.14 14.99
CA LEU B 71 0.55 10.62 14.60
C LEU B 71 1.33 11.24 15.77
N MET B 72 0.68 12.14 16.51
CA MET B 72 1.29 12.78 17.66
C MET B 72 1.70 11.76 18.70
N SER B 73 0.91 10.70 18.85
CA SER B 73 1.21 9.70 19.86
C SER B 73 2.49 8.94 19.53
N HIS B 74 2.65 8.53 18.28
CA HIS B 74 3.89 7.84 17.87
C HIS B 74 5.07 8.80 17.99
N PHE B 75 4.87 10.03 17.50
CA PHE B 75 5.90 11.05 17.54
C PHE B 75 6.43 11.34 18.94
N MET B 76 5.53 11.45 19.92
CA MET B 76 5.97 11.75 21.28
C MET B 76 6.64 10.54 21.91
N LEU B 77 6.26 9.32 21.54
CA LEU B 77 6.99 8.16 22.00
C LEU B 77 8.42 8.05 21.39
N TRP B 78 8.57 8.42 20.12
CA TRP B 78 9.91 8.52 19.55
C TRP B 78 10.77 9.51 20.36
N LYS B 79 10.13 10.61 20.73
CA LYS B 79 10.77 11.66 21.50
C LYS B 79 11.18 11.17 22.90
N LYS B 80 10.33 10.36 23.52
CA LYS B 80 10.67 9.74 24.80
C LYS B 80 11.89 8.80 24.69
N CYS B 81 11.97 8.02 23.62
CA CYS B 81 13.15 7.18 23.36
C CYS B 81 14.47 8.00 23.42
N ILE B 82 14.48 9.15 22.76
CA ILE B 82 15.65 10.02 22.75
C ILE B 82 15.85 10.68 24.13
N ASP B 83 14.81 11.33 24.64
CA ASP B 83 14.93 12.08 25.88
C ASP B 83 15.33 11.18 27.07
N GLU B 84 14.85 9.95 27.08
CA GLU B 84 15.20 9.04 28.16
C GLU B 84 16.38 8.14 27.83
N ASN B 85 17.03 8.42 26.72
CA ASN B 85 18.15 7.64 26.23
C ASN B 85 17.93 6.13 26.29
N LEU B 86 16.79 5.67 25.80
CA LEU B 86 16.55 4.25 25.64
C LEU B 86 17.28 3.76 24.40
N ASP B 87 17.72 2.51 24.44
CA ASP B 87 18.38 1.86 23.31
C ASP B 87 17.39 1.74 22.14
N TYR B 88 16.22 1.25 22.47
CA TYR B 88 15.11 1.17 21.55
C TYR B 88 13.82 1.24 22.34
N ILE B 89 12.73 1.42 21.62
CA ILE B 89 11.42 1.37 22.21
C ILE B 89 10.53 0.55 21.30
N THR B 90 9.58 -0.15 21.88
CA THR B 90 8.71 -1.01 21.15
C THR B 90 7.31 -0.47 21.31
N LEU B 91 6.70 -0.13 20.17
CA LEU B 91 5.39 0.48 20.15
C LEU B 91 4.32 -0.43 19.59
N PHE B 92 3.17 -0.38 20.26
CA PHE B 92 2.00 -1.12 19.86
C PHE B 92 0.81 -0.18 19.80
N GLU B 93 -0.16 -0.53 18.98
CA GLU B 93 -1.48 0.09 19.04
C GLU B 93 -2.41 -0.91 19.75
N ASP B 94 -3.49 -0.41 20.35
CA ASP B 94 -4.20 -1.18 21.38
C ASP B 94 -5.20 -2.22 20.88
N ASP B 95 -5.19 -2.49 19.59
CA ASP B 95 -5.98 -3.60 19.04
C ASP B 95 -5.14 -4.78 18.62
N ILE B 96 -3.89 -4.85 19.07
CA ILE B 96 -2.99 -5.94 18.66
C ILE B 96 -3.32 -7.25 19.37
N LEU B 97 -3.12 -8.36 18.64
CA LEU B 97 -3.15 -9.70 19.22
C LEU B 97 -1.74 -10.29 19.14
N LEU B 98 -1.22 -10.76 20.28
CA LEU B 98 0.11 -11.32 20.33
C LEU B 98 0.09 -12.78 19.95
N GLY B 99 1.08 -13.18 19.16
CA GLY B 99 1.22 -14.58 18.79
C GLY B 99 1.86 -15.39 19.91
N GLU B 100 2.06 -16.66 19.58
CA GLU B 100 2.41 -17.72 20.52
C GLU B 100 3.53 -17.37 21.51
N ASN B 101 4.77 -17.23 21.05
CA ASN B 101 5.88 -17.03 21.99
C ASN B 101 6.46 -15.64 21.89
N ALA B 102 5.56 -14.67 22.03
CA ALA B 102 5.93 -13.27 21.92
C ALA B 102 6.89 -12.86 23.02
N ASN B 103 6.76 -13.47 24.19
CA ASN B 103 7.62 -13.22 25.34
C ASN B 103 9.14 -13.27 25.03
N LYS B 104 9.55 -14.17 24.14
CA LYS B 104 10.94 -14.29 23.72
C LYS B 104 11.48 -12.99 23.08
N PHE B 105 10.59 -12.24 22.43
CA PHE B 105 10.96 -11.01 21.74
C PHE B 105 10.74 -9.76 22.56
N LEU B 106 9.67 -9.76 23.35
CA LEU B 106 9.17 -8.53 23.98
C LEU B 106 9.51 -8.39 25.46
N ALA B 107 9.76 -9.50 26.14
CA ALA B 107 10.13 -9.48 27.55
C ALA B 107 11.65 -9.41 27.72
N GLU B 108 12.40 -9.77 26.68
CA GLU B 108 13.87 -9.74 26.72
C GLU B 108 14.44 -9.01 25.52
N GLY B 109 15.59 -8.40 25.69
CA GLY B 109 16.20 -7.55 24.66
C GLY B 109 17.56 -7.99 24.15
N ASP B 110 18.14 -9.03 24.74
CA ASP B 110 19.52 -9.41 24.38
C ASP B 110 19.61 -9.78 22.92
N TRP B 111 18.59 -10.46 22.41
CA TRP B 111 18.48 -10.80 21.00
C TRP B 111 18.66 -9.57 20.07
N LEU B 112 18.17 -8.42 20.48
CA LEU B 112 18.32 -7.19 19.71
C LEU B 112 19.71 -6.62 19.89
N LYS B 113 20.17 -6.66 21.14
CA LYS B 113 21.47 -6.09 21.49
C LYS B 113 22.62 -6.77 20.75
N VAL B 114 22.54 -8.08 20.57
CA VAL B 114 23.60 -8.79 19.86
C VAL B 114 23.52 -8.65 18.35
N ARG B 115 22.37 -8.20 17.84
CA ARG B 115 22.19 -8.05 16.39
C ARG B 115 22.45 -6.65 15.86
N PHE B 116 22.33 -5.64 16.72
CA PHE B 116 22.37 -4.26 16.30
C PHE B 116 23.03 -3.41 17.36
N ASN B 117 23.68 -2.34 16.90
CA ASN B 117 24.04 -1.23 17.73
C ASN B 117 22.91 -0.25 17.58
N PHE B 118 22.48 0.36 18.67
CA PHE B 118 21.20 1.04 18.68
C PHE B 118 21.19 2.45 18.08
N GLN B 119 22.38 2.95 17.74
CA GLN B 119 22.51 4.14 16.94
C GLN B 119 22.41 3.85 15.47
N GLU B 120 22.37 2.57 15.08
CA GLU B 120 21.97 2.22 13.72
C GLU B 120 20.53 2.68 13.56
N ILE B 121 20.13 2.98 12.33
CA ILE B 121 18.86 3.59 12.03
C ILE B 121 17.94 2.52 11.45
N PHE B 122 17.11 1.94 12.30
CA PHE B 122 16.21 0.88 11.84
C PHE B 122 14.91 0.79 12.65
N VAL B 123 13.93 0.22 11.98
CA VAL B 123 12.69 -0.21 12.58
C VAL B 123 12.60 -1.69 12.28
N LEU B 124 12.15 -2.48 13.26
CA LEU B 124 11.83 -3.88 13.03
C LEU B 124 10.32 -4.06 13.21
N ARG B 125 9.63 -4.36 12.13
CA ARG B 125 8.19 -4.60 12.22
C ARG B 125 7.93 -5.97 12.81
N LEU B 126 7.02 -5.99 13.77
CA LEU B 126 6.62 -7.22 14.46
C LEU B 126 5.29 -7.76 13.97
N GLU B 127 4.47 -6.89 13.37
CA GLU B 127 3.14 -7.27 12.93
C GLU B 127 3.17 -7.79 11.50
N THR B 128 2.05 -8.39 11.10
CA THR B 128 1.95 -9.04 9.79
C THR B 128 2.27 -8.04 8.69
N PHE B 129 2.75 -8.54 7.57
CA PHE B 129 3.09 -7.69 6.41
C PHE B 129 2.15 -7.93 5.22
N LEU B 130 1.35 -8.99 5.26
CA LEU B 130 0.32 -9.23 4.26
C LEU B 130 -0.91 -8.51 4.79
N MET B 131 -1.23 -7.35 4.23
CA MET B 131 -2.31 -6.52 4.73
C MET B 131 -3.19 -6.09 3.57
N PRO B 132 -4.45 -6.53 3.59
CA PRO B 132 -5.33 -6.15 2.49
C PRO B 132 -5.58 -4.69 2.56
N VAL B 133 -5.74 -4.11 1.39
CA VAL B 133 -6.27 -2.80 1.23
C VAL B 133 -7.67 -2.81 1.85
N GLN B 134 -8.18 -1.66 2.30
CA GLN B 134 -9.54 -1.57 2.85
C GLN B 134 -10.70 -1.46 1.80
N LEU B 135 -11.55 -2.49 1.81
CA LEU B 135 -12.65 -2.64 0.87
C LEU B 135 -13.98 -2.48 1.61
N GLU B 136 -15.01 -2.00 0.91
CA GLU B 136 -16.32 -1.78 1.47
C GLU B 136 -17.31 -2.60 0.67
N LYS B 137 -18.17 -3.36 1.35
CA LYS B 137 -19.24 -4.08 0.70
C LYS B 137 -20.22 -3.13 0.06
N GLN B 138 -20.84 -3.57 -1.03
CA GLN B 138 -21.96 -2.82 -1.62
C GLN B 138 -23.02 -3.80 -2.09
N THR B 139 -24.27 -3.34 -2.09
CA THR B 139 -25.44 -4.21 -2.30
C THR B 139 -26.12 -4.02 -3.65
N GLN B 140 -25.85 -2.88 -4.29
CA GLN B 140 -26.57 -2.52 -5.51
C GLN B 140 -26.11 -3.26 -6.77
N ILE B 141 -24.90 -3.81 -6.76
CA ILE B 141 -24.41 -4.59 -7.89
C ILE B 141 -24.16 -6.01 -7.41
N PRO B 142 -24.96 -6.97 -7.89
CA PRO B 142 -24.83 -8.33 -7.33
C PRO B 142 -23.52 -9.04 -7.63
N PRO B 143 -23.12 -9.96 -6.73
CA PRO B 143 -21.94 -10.78 -6.93
C PRO B 143 -22.07 -11.67 -8.15
N PHE B 144 -20.96 -12.16 -8.66
CA PHE B 144 -20.97 -13.08 -9.77
C PHE B 144 -20.06 -14.26 -9.45
N GLN B 145 -20.54 -15.49 -9.72
CA GLN B 145 -19.79 -16.71 -9.47
C GLN B 145 -19.12 -16.70 -8.11
N GLN B 146 -19.85 -16.24 -7.11
CA GLN B 146 -19.40 -16.21 -5.72
C GLN B 146 -18.18 -15.32 -5.48
N ARG B 147 -18.09 -14.26 -6.27
CA ARG B 147 -17.13 -13.20 -6.03
C ARG B 147 -17.88 -11.92 -5.89
N ASP B 148 -17.55 -11.17 -4.84
CA ASP B 148 -18.17 -9.89 -4.60
C ASP B 148 -17.49 -8.83 -5.44
N ILE B 149 -18.19 -7.74 -5.63
CA ILE B 149 -17.66 -6.57 -6.26
C ILE B 149 -17.67 -5.50 -5.18
N ASP B 150 -16.52 -5.28 -4.56
CA ASP B 150 -16.41 -4.34 -3.43
C ASP B 150 -15.86 -3.01 -3.93
N ILE B 151 -15.93 -2.00 -3.08
CA ILE B 151 -15.46 -0.67 -3.38
C ILE B 151 -14.16 -0.43 -2.60
N LEU B 152 -13.14 0.12 -3.25
CA LEU B 152 -11.90 0.51 -2.57
C LEU B 152 -12.13 1.79 -1.76
N THR B 153 -11.82 1.77 -0.47
CA THR B 153 -12.05 2.93 0.39
C THR B 153 -10.79 3.52 1.05
N SER B 154 -9.75 2.72 1.25
CA SER B 154 -8.45 3.28 1.66
C SER B 154 -7.33 2.25 1.51
N MET B 155 -6.12 2.75 1.55
CA MET B 155 -4.94 1.90 1.50
C MET B 155 -4.08 2.16 2.74
N ASP B 156 -4.45 1.53 3.84
CA ASP B 156 -3.80 1.79 5.12
C ASP B 156 -2.83 0.68 5.45
N TRP B 157 -1.71 1.06 6.04
CA TRP B 157 -0.65 0.13 6.42
C TRP B 157 -0.60 0.06 7.96
N GLY B 158 -0.15 -1.05 8.51
CA GLY B 158 -0.13 -1.20 9.97
C GLY B 158 1.02 -0.49 10.64
N THR B 159 0.73 0.26 11.71
CA THR B 159 1.72 0.83 12.61
C THR B 159 1.39 0.36 14.03
N ALA B 160 0.90 -0.88 14.13
CA ALA B 160 0.40 -1.42 15.38
C ALA B 160 1.41 -2.23 16.20
N GLY B 161 2.61 -2.48 15.65
CA GLY B 161 3.62 -3.25 16.37
C GLY B 161 5.00 -3.18 15.74
N TYR B 162 5.87 -2.36 16.32
CA TYR B 162 7.25 -2.27 15.80
C TYR B 162 8.25 -1.85 16.88
N VAL B 163 9.49 -2.29 16.68
CA VAL B 163 10.64 -1.82 17.43
C VAL B 163 11.25 -0.68 16.64
N ILE B 164 11.61 0.39 17.33
CA ILE B 164 12.33 1.47 16.73
C ILE B 164 13.60 1.74 17.56
N SER B 165 14.73 1.81 16.87
CA SER B 165 16.00 2.11 17.49
C SER B 165 16.08 3.60 17.80
N GLN B 166 16.92 3.94 18.76
CA GLN B 166 17.13 5.35 19.05
C GLN B 166 17.62 6.10 17.81
N GLY B 167 18.48 5.46 17.02
CA GLY B 167 18.87 6.00 15.70
C GLY B 167 17.69 6.35 14.80
N ALA B 168 16.76 5.43 14.68
CA ALA B 168 15.58 5.68 13.82
C ALA B 168 14.60 6.68 14.44
N ALA B 169 14.52 6.72 15.77
CA ALA B 169 13.68 7.72 16.45
C ALA B 169 14.12 9.14 16.10
N LYS B 170 15.43 9.39 16.14
CA LYS B 170 16.00 10.67 15.71
C LYS B 170 15.71 10.95 14.25
N TYR B 171 15.97 9.97 13.39
CA TYR B 171 15.72 10.11 11.97
C TYR B 171 14.25 10.44 11.67
N LEU B 172 13.32 9.73 12.31
CA LEU B 172 11.90 9.96 12.00
C LEU B 172 11.37 11.29 12.56
N ILE B 173 11.83 11.66 13.74
CA ILE B 173 11.50 12.99 14.30
C ILE B 173 11.95 14.09 13.33
N ALA B 174 13.21 14.05 12.89
CA ALA B 174 13.73 15.02 11.93
C ALA B 174 12.88 15.06 10.67
N LEU B 175 12.55 13.89 10.14
CA LEU B 175 11.75 13.81 8.92
C LEU B 175 10.35 14.44 9.09
N PHE B 176 9.65 14.05 10.17
CA PHE B 176 8.31 14.56 10.42
C PHE B 176 8.30 16.08 10.62
N GLU B 177 9.32 16.61 11.30
CA GLU B 177 9.44 18.07 11.50
C GLU B 177 9.66 18.84 10.20
N LYS B 178 10.30 18.17 9.25
CA LYS B 178 10.70 18.73 7.97
C LYS B 178 9.60 18.69 6.92
N LEU B 179 8.63 17.79 7.07
CA LEU B 179 7.50 17.77 6.13
C LEU B 179 6.73 19.10 6.08
N THR B 180 6.43 19.55 4.86
CA THR B 180 5.57 20.71 4.66
C THR B 180 4.12 20.26 4.90
N THR B 181 3.24 21.23 5.16
CA THR B 181 1.80 20.98 5.32
C THR B 181 1.23 20.16 4.16
N GLU B 182 1.67 20.49 2.96
CA GLU B 182 1.26 19.83 1.72
C GLU B 182 1.67 18.34 1.69
N GLU B 183 2.80 18.01 2.30
CA GLU B 183 3.33 16.64 2.31
C GLU B 183 2.75 15.75 3.41
N ILE B 184 2.02 16.35 4.35
CA ILE B 184 1.46 15.60 5.47
C ILE B 184 0.45 14.59 5.01
N MET B 185 0.58 13.38 5.52
CA MET B 185 -0.34 12.28 5.25
C MET B 185 -0.52 11.55 6.58
N PRO B 186 -1.46 10.59 6.66
CA PRO B 186 -1.55 9.80 7.90
C PRO B 186 -0.23 9.09 8.22
N ILE B 187 0.08 8.89 9.49
CA ILE B 187 1.37 8.34 9.88
C ILE B 187 1.73 7.04 9.15
N ASP B 188 0.76 6.15 8.97
CA ASP B 188 1.04 4.89 8.30
C ASP B 188 1.42 5.10 6.83
N GLU B 189 0.84 6.11 6.19
CA GLU B 189 1.14 6.37 4.78
C GLU B 189 2.55 6.95 4.64
N ILE B 190 2.93 7.88 5.51
CA ILE B 190 4.30 8.42 5.54
C ILE B 190 5.32 7.33 5.77
N MET B 191 5.07 6.48 6.77
CA MET B 191 6.00 5.42 7.12
C MET B 191 6.08 4.38 6.00
N PHE B 192 4.93 4.00 5.45
CA PHE B 192 4.91 3.15 4.26
C PHE B 192 5.81 3.67 3.12
N ASN B 193 5.69 4.97 2.82
CA ASN B 193 6.51 5.60 1.82
C ASN B 193 8.00 5.72 2.15
N GLN B 194 8.36 5.64 3.43
CA GLN B 194 9.76 5.59 3.84
C GLN B 194 10.41 4.21 3.72
N GLN B 195 9.63 3.17 3.44
CA GLN B 195 10.20 1.85 3.24
C GLN B 195 10.82 1.69 1.85
N ILE B 196 12.00 2.29 1.67
CA ILE B 196 12.74 2.25 0.40
C ILE B 196 14.22 1.95 0.69
N ASN B 197 14.99 1.49 -0.31
CA ASN B 197 16.40 1.20 -0.04
C ASN B 197 17.38 2.35 -0.36
N ALA B 198 16.91 3.39 -1.04
CA ALA B 198 17.70 4.60 -1.25
C ALA B 198 17.64 5.48 0.01
N THR B 199 18.05 4.92 1.14
CA THR B 199 18.05 5.63 2.43
C THR B 199 19.06 4.98 3.40
N ASP B 200 19.34 5.67 4.49
CA ASP B 200 20.09 5.10 5.64
C ASP B 200 19.13 4.38 6.62
N TYR B 201 17.87 4.77 6.57
CA TYR B 201 16.80 4.15 7.32
C TYR B 201 16.41 2.81 6.75
N ARG B 202 16.56 1.75 7.54
CA ARG B 202 16.15 0.40 7.09
C ARG B 202 14.91 -0.05 7.85
N VAL B 203 14.01 -0.71 7.15
CA VAL B 203 12.88 -1.35 7.79
C VAL B 203 13.01 -2.84 7.62
N TYR B 204 13.10 -3.53 8.75
CA TYR B 204 13.15 -4.98 8.74
C TYR B 204 11.78 -5.48 9.09
N GLN B 205 11.54 -6.75 8.77
CA GLN B 205 10.29 -7.43 9.03
C GLN B 205 10.55 -8.78 9.66
N LEU B 206 9.96 -9.00 10.82
CA LEU B 206 10.01 -10.31 11.45
C LEU B 206 9.12 -11.27 10.65
N ASN B 207 9.67 -12.39 10.21
CA ASN B 207 8.96 -13.30 9.29
C ASN B 207 9.11 -14.77 9.67
N PRO B 208 8.05 -15.43 10.16
CA PRO B 208 6.70 -14.85 10.28
C PRO B 208 6.55 -13.85 11.41
N ALA B 209 5.48 -13.07 11.35
CA ALA B 209 5.24 -11.99 12.30
C ALA B 209 4.79 -12.58 13.61
N ILE B 210 4.88 -11.80 14.68
CA ILE B 210 4.50 -12.26 16.00
C ILE B 210 3.26 -11.59 16.53
N CYS B 211 2.67 -10.67 15.78
CA CYS B 211 1.43 -10.05 16.18
C CYS B 211 0.60 -9.58 15.01
N VAL B 212 -0.69 -9.35 15.24
CA VAL B 212 -1.60 -8.95 14.20
C VAL B 212 -2.69 -8.07 14.79
N GLN B 213 -3.19 -7.09 14.04
CA GLN B 213 -4.37 -6.36 14.47
C GLN B 213 -5.62 -7.24 14.39
N GLU B 214 -6.50 -7.10 15.37
CA GLU B 214 -7.64 -8.01 15.47
C GLU B 214 -8.59 -7.89 14.28
N LEU B 215 -8.79 -6.69 13.75
CA LEU B 215 -9.60 -6.53 12.55
C LEU B 215 -8.99 -7.22 11.33
N VAL B 216 -7.67 -7.12 11.18
CA VAL B 216 -6.95 -7.75 10.06
C VAL B 216 -7.16 -9.28 10.03
N LEU B 217 -7.32 -9.90 11.20
CA LEU B 217 -7.45 -11.37 11.31
C LEU B 217 -8.45 -12.10 10.40
N ASN B 218 -9.52 -11.45 9.96
CA ASN B 218 -10.52 -12.09 9.07
C ASN B 218 -9.94 -12.97 7.95
#